data_4QSY
#
_entry.id   4QSY
#
_cell.length_a   61.780
_cell.length_b   61.780
_cell.length_c   74.190
_cell.angle_alpha   90.00
_cell.angle_beta   90.00
_cell.angle_gamma   90.00
#
_symmetry.space_group_name_H-M   'P 43 21 2'
#
loop_
_entity.id
_entity.type
_entity.pdbx_description
1 polymer 'Tyrosine-protein phosphatase non-receptor type 11'
2 polymer 'GRB2-associated-binding protein 1'
3 water water
#
loop_
_entity_poly.entity_id
_entity_poly.type
_entity_poly.pdbx_seq_one_letter_code
_entity_poly.pdbx_strand_id
1 'polypeptide(L)'
;GSMTSRRWFHPNITGVEAENLLLTRGVDGSFLARPSKSNPGDFTLSVRRNGAVTHIKIQNTGDYYDLYGGEKFATLAELV
QYYMEHHGQLKEKNGDVIELKYPLNCAD
;
A
2 'polypeptide(L)' GDKQVE(PTR)LDLDLD B
#
# COMPACT_ATOMS: atom_id res chain seq x y z
N ARG A 7 -2.02 12.86 -7.17
CA ARG A 7 -2.81 12.06 -6.24
C ARG A 7 -1.99 10.95 -5.62
N TRP A 8 -2.66 9.92 -5.09
CA TRP A 8 -1.98 8.90 -4.29
C TRP A 8 -0.99 8.04 -5.07
N PHE A 9 -1.03 8.10 -6.40
CA PHE A 9 -0.16 7.27 -7.21
C PHE A 9 1.14 7.98 -7.61
N HIS A 10 2.26 7.42 -7.18
CA HIS A 10 3.58 7.97 -7.51
C HIS A 10 4.37 7.01 -8.39
N PRO A 11 4.32 7.22 -9.71
CA PRO A 11 4.94 6.28 -10.67
C PRO A 11 6.47 6.30 -10.68
N ASN A 12 7.08 7.33 -10.09
CA ASN A 12 8.52 7.52 -10.25
C ASN A 12 9.37 7.46 -8.98
N ILE A 13 8.88 6.78 -7.94
CA ILE A 13 9.65 6.71 -6.69
C ILE A 13 9.95 5.29 -6.24
N THR A 14 11.04 5.15 -5.48
CA THR A 14 11.44 3.86 -4.94
C THR A 14 10.82 3.63 -3.57
N GLY A 15 11.08 2.47 -2.99
CA GLY A 15 10.56 2.15 -1.67
C GLY A 15 11.15 3.07 -0.63
N VAL A 16 12.44 3.35 -0.75
CA VAL A 16 13.15 4.22 0.17
C VAL A 16 12.64 5.65 0.04
N GLU A 17 12.49 6.12 -1.20
CA GLU A 17 11.93 7.44 -1.47
C GLU A 17 10.52 7.58 -0.91
N ALA A 18 9.74 6.49 -1.00
CA ALA A 18 8.38 6.49 -0.48
C ALA A 18 8.39 6.68 1.04
N GLU A 19 9.37 6.07 1.70
CA GLU A 19 9.51 6.22 3.15
C GLU A 19 9.86 7.66 3.51
N ASN A 20 10.77 8.26 2.76
CA ASN A 20 11.19 9.64 3.02
C ASN A 20 10.03 10.62 2.86
N LEU A 21 9.21 10.43 1.83
CA LEU A 21 8.05 11.27 1.61
C LEU A 21 7.07 11.21 2.77
N LEU A 22 6.65 9.99 3.09
CA LEU A 22 5.66 9.75 4.13
C LEU A 22 6.14 10.26 5.49
N LEU A 23 7.43 10.14 5.76
CA LEU A 23 7.96 10.54 7.06
C LEU A 23 8.14 12.05 7.15
N THR A 24 8.26 12.72 6.01
CA THR A 24 8.52 14.16 6.00
C THR A 24 7.30 14.99 5.58
N ARG A 25 6.41 14.39 4.80
CA ARG A 25 5.26 15.12 4.29
C ARG A 25 3.94 14.48 4.69
N GLY A 26 4.00 13.36 5.40
CA GLY A 26 2.80 12.67 5.80
C GLY A 26 2.60 12.64 7.30
N VAL A 27 1.48 12.03 7.71
CA VAL A 27 1.20 11.75 9.11
C VAL A 27 0.90 10.26 9.21
N ASP A 28 0.74 9.76 10.44
CA ASP A 28 0.30 8.38 10.62
C ASP A 28 -1.05 8.18 9.92
N GLY A 29 -1.12 7.17 9.06
CA GLY A 29 -2.31 6.93 8.27
C GLY A 29 -2.13 7.34 6.83
N SER A 30 -1.08 8.13 6.55
CA SER A 30 -0.76 8.52 5.19
C SER A 30 -0.28 7.31 4.39
N PHE A 31 -0.60 7.29 3.11
CA PHE A 31 -0.18 6.18 2.26
C PHE A 31 -0.01 6.63 0.82
N LEU A 32 0.72 5.83 0.04
CA LEU A 32 0.82 6.05 -1.39
C LEU A 32 0.97 4.73 -2.13
N ALA A 33 0.83 4.77 -3.44
CA ALA A 33 1.10 3.61 -4.28
C ALA A 33 2.23 3.93 -5.22
N ARG A 34 3.05 2.91 -5.51
CA ARG A 34 4.26 3.09 -6.28
C ARG A 34 4.57 1.80 -7.04
N PRO A 35 5.45 1.88 -8.06
CA PRO A 35 5.84 0.65 -8.75
C PRO A 35 6.68 -0.29 -7.88
N SER A 36 6.54 -1.60 -8.10
CA SER A 36 7.24 -2.60 -7.31
C SER A 36 8.63 -2.90 -7.85
N LYS A 37 9.59 -3.01 -6.94
CA LYS A 37 10.96 -3.36 -7.32
C LYS A 37 11.11 -4.87 -7.47
N SER A 38 10.66 -5.61 -6.46
CA SER A 38 10.77 -7.07 -6.47
C SER A 38 9.97 -7.69 -7.61
N ASN A 39 8.85 -7.05 -7.97
CA ASN A 39 8.05 -7.51 -9.11
C ASN A 39 7.84 -6.41 -10.13
N PRO A 40 8.81 -6.21 -11.03
CA PRO A 40 8.75 -5.19 -12.07
C PRO A 40 7.46 -5.24 -12.86
N GLY A 41 6.81 -4.09 -13.03
CA GLY A 41 5.55 -4.00 -13.73
C GLY A 41 4.37 -3.94 -12.76
N ASP A 42 4.62 -4.32 -11.52
CA ASP A 42 3.58 -4.30 -10.49
C ASP A 42 3.63 -3.06 -9.62
N PHE A 43 2.74 -3.03 -8.65
CA PHE A 43 2.66 -1.92 -7.73
C PHE A 43 2.69 -2.30 -6.28
N THR A 44 2.94 -1.30 -5.47
CA THR A 44 3.10 -1.55 -4.04
C THR A 44 2.54 -0.38 -3.22
N LEU A 45 1.83 -0.69 -2.14
CA LEU A 45 1.35 0.32 -1.21
C LEU A 45 2.37 0.60 -0.13
N SER A 46 2.71 1.88 0.07
CA SER A 46 3.59 2.27 1.17
C SER A 46 2.78 3.07 2.19
N VAL A 47 2.73 2.56 3.41
CA VAL A 47 1.83 3.11 4.42
C VAL A 47 2.58 3.52 5.69
N ARG A 48 2.23 4.67 6.24
CA ARG A 48 2.83 5.11 7.49
C ARG A 48 1.91 4.83 8.68
N ARG A 49 2.47 4.21 9.71
CA ARG A 49 1.77 4.03 10.97
C ARG A 49 2.79 3.96 12.10
N ASN A 50 2.40 4.43 13.27
CA ASN A 50 3.28 4.44 14.44
C ASN A 50 4.63 5.08 14.18
N GLY A 51 4.65 6.10 13.31
CA GLY A 51 5.87 6.82 13.01
C GLY A 51 6.81 6.10 12.05
N ALA A 52 6.40 4.94 11.56
CA ALA A 52 7.24 4.16 10.65
C ALA A 52 6.49 3.82 9.37
N VAL A 53 7.23 3.46 8.33
CA VAL A 53 6.62 3.17 7.03
C VAL A 53 6.60 1.68 6.74
N THR A 54 5.44 1.19 6.31
CA THR A 54 5.27 -0.22 6.03
C THR A 54 4.91 -0.38 4.55
N HIS A 55 5.18 -1.56 3.96
CA HIS A 55 4.99 -1.74 2.52
C HIS A 55 4.18 -2.99 2.17
N ILE A 56 3.09 -2.81 1.43
CA ILE A 56 2.20 -3.91 1.08
C ILE A 56 2.18 -4.19 -0.43
N LYS A 57 2.41 -5.45 -0.79
CA LYS A 57 2.45 -5.86 -2.19
C LYS A 57 1.08 -5.94 -2.84
N ILE A 58 0.99 -5.42 -4.06
CA ILE A 58 -0.25 -5.47 -4.83
C ILE A 58 -0.12 -6.45 -6.00
N GLN A 59 -0.93 -7.50 -5.99
CA GLN A 59 -0.90 -8.47 -7.08
C GLN A 59 -1.76 -8.02 -8.25
N ASN A 60 -1.19 -8.11 -9.44
CA ASN A 60 -1.91 -7.85 -10.69
C ASN A 60 -1.86 -9.09 -11.56
N THR A 61 -2.96 -9.84 -11.59
CA THR A 61 -2.99 -11.10 -12.31
C THR A 61 -3.36 -10.92 -13.78
N GLY A 62 -3.86 -9.75 -14.12
CA GLY A 62 -4.39 -9.50 -15.44
C GLY A 62 -5.89 -9.72 -15.49
N ASP A 63 -6.40 -10.44 -14.49
CA ASP A 63 -7.83 -10.69 -14.37
C ASP A 63 -8.43 -9.92 -13.19
N TYR A 64 -7.56 -9.45 -12.30
CA TYR A 64 -7.97 -8.69 -11.12
C TYR A 64 -6.76 -8.17 -10.36
N TYR A 65 -7.02 -7.27 -9.41
CA TYR A 65 -6.01 -6.80 -8.47
C TYR A 65 -6.38 -7.27 -7.07
N ASP A 66 -5.38 -7.70 -6.29
CA ASP A 66 -5.61 -7.94 -4.86
C ASP A 66 -4.29 -7.79 -4.09
N LEU A 67 -4.29 -8.15 -2.82
CA LEU A 67 -3.08 -8.10 -2.02
C LEU A 67 -2.58 -9.52 -1.75
N TYR A 68 -2.54 -10.32 -2.81
CA TYR A 68 -2.25 -11.76 -2.71
C TYR A 68 -3.16 -12.38 -1.65
N GLY A 69 -4.45 -12.09 -1.77
CA GLY A 69 -5.43 -12.50 -0.80
C GLY A 69 -6.48 -11.43 -0.60
N GLY A 70 -7.58 -11.78 0.07
CA GLY A 70 -8.64 -10.82 0.32
C GLY A 70 -9.50 -10.56 -0.89
N GLU A 71 -10.23 -9.45 -0.85
CA GLU A 71 -11.15 -9.08 -1.92
C GLU A 71 -10.42 -8.82 -3.23
N LYS A 72 -11.07 -9.12 -4.35
CA LYS A 72 -10.49 -8.88 -5.67
C LYS A 72 -11.09 -7.64 -6.32
N PHE A 73 -10.29 -6.94 -7.10
CA PHE A 73 -10.71 -5.68 -7.72
C PHE A 73 -10.33 -5.59 -9.19
N ALA A 74 -11.16 -4.91 -9.97
CA ALA A 74 -10.92 -4.76 -11.40
C ALA A 74 -9.80 -3.75 -11.67
N THR A 75 -9.72 -2.72 -10.84
CA THR A 75 -8.71 -1.67 -11.04
C THR A 75 -7.93 -1.38 -9.78
N LEU A 76 -6.75 -0.80 -9.95
CA LEU A 76 -5.91 -0.42 -8.82
C LEU A 76 -6.61 0.63 -7.96
N ALA A 77 -7.22 1.62 -8.61
CA ALA A 77 -7.88 2.72 -7.91
C ALA A 77 -9.02 2.24 -7.02
N GLU A 78 -9.75 1.24 -7.48
CA GLU A 78 -10.88 0.71 -6.72
CA GLU A 78 -10.88 0.76 -6.68
C GLU A 78 -10.39 -0.08 -5.51
N LEU A 79 -9.28 -0.78 -5.70
CA LEU A 79 -8.65 -1.50 -4.58
C LEU A 79 -8.31 -0.50 -3.48
N VAL A 80 -7.66 0.60 -3.87
CA VAL A 80 -7.26 1.63 -2.92
C VAL A 80 -8.50 2.25 -2.27
N GLN A 81 -9.50 2.55 -3.09
CA GLN A 81 -10.76 3.12 -2.61
C GLN A 81 -11.39 2.20 -1.56
N TYR A 82 -11.42 0.91 -1.85
CA TYR A 82 -12.03 -0.06 -0.93
C TYR A 82 -11.36 -0.08 0.44
N TYR A 83 -10.03 -0.07 0.44
CA TYR A 83 -9.31 -0.19 1.71
C TYR A 83 -9.29 1.13 2.47
N MET A 84 -9.54 2.23 1.78
CA MET A 84 -9.75 3.50 2.46
C MET A 84 -11.10 3.53 3.16
N GLU A 85 -12.06 2.78 2.63
CA GLU A 85 -13.41 2.76 3.16
C GLU A 85 -13.61 1.64 4.18
N HIS A 86 -12.69 0.68 4.19
CA HIS A 86 -12.77 -0.44 5.11
C HIS A 86 -11.45 -0.57 5.89
N HIS A 87 -11.31 0.27 6.92
CA HIS A 87 -10.06 0.37 7.67
C HIS A 87 -9.72 -0.88 8.48
N GLY A 88 -10.68 -1.79 8.65
CA GLY A 88 -10.45 -2.98 9.45
C GLY A 88 -10.11 -4.22 8.64
N GLN A 89 -10.04 -4.09 7.32
CA GLN A 89 -9.91 -5.25 6.45
C GLN A 89 -8.45 -5.65 6.18
N LEU A 90 -7.52 -4.73 6.39
CA LEU A 90 -6.13 -5.02 6.08
C LEU A 90 -5.33 -5.28 7.35
N LYS A 91 -5.13 -6.56 7.66
CA LYS A 91 -4.42 -6.98 8.86
C LYS A 91 -3.20 -7.84 8.51
N GLU A 92 -2.11 -7.65 9.25
CA GLU A 92 -1.02 -8.61 9.18
C GLU A 92 -1.41 -9.77 10.09
N LYS A 93 -0.63 -10.85 10.08
CA LYS A 93 -1.01 -12.02 10.84
C LYS A 93 -0.54 -11.94 12.29
N ASN A 94 0.02 -10.79 12.66
CA ASN A 94 0.46 -10.55 14.04
C ASN A 94 -0.58 -10.84 15.14
N GLY A 95 -1.80 -10.31 15.08
CA GLY A 95 -2.29 -9.42 14.03
C GLY A 95 -2.29 -7.96 14.45
N ASP A 96 -2.08 -7.08 13.47
CA ASP A 96 -2.19 -5.64 13.66
C ASP A 96 -2.83 -5.04 12.41
N VAL A 97 -3.66 -4.02 12.58
CA VAL A 97 -4.32 -3.43 11.43
C VAL A 97 -3.47 -2.33 10.79
N ILE A 98 -3.49 -2.28 9.46
CA ILE A 98 -2.79 -1.25 8.71
C ILE A 98 -3.82 -0.39 7.99
N GLU A 99 -4.02 0.82 8.47
CA GLU A 99 -5.09 1.67 7.95
C GLU A 99 -4.60 2.61 6.85
N LEU A 100 -5.23 2.50 5.69
CA LEU A 100 -5.06 3.48 4.62
C LEU A 100 -6.01 4.64 4.86
N LYS A 101 -5.51 5.70 5.49
CA LYS A 101 -6.37 6.83 5.83
C LYS A 101 -6.25 8.00 4.86
N TYR A 102 -5.03 8.51 4.71
CA TYR A 102 -4.83 9.76 4.00
C TYR A 102 -3.91 9.61 2.80
N PRO A 103 -4.45 9.67 1.58
CA PRO A 103 -3.60 9.59 0.39
C PRO A 103 -2.59 10.73 0.35
N LEU A 104 -1.32 10.40 0.11
CA LEU A 104 -0.29 11.41 -0.04
C LEU A 104 -0.16 11.74 -1.52
N ASN A 105 -0.66 12.91 -1.90
N ASN A 105 -0.65 12.91 -1.90
CA ASN A 105 -0.75 13.30 -3.30
CA ASN A 105 -0.76 13.29 -3.30
C ASN A 105 0.62 13.42 -3.97
C ASN A 105 0.59 13.55 -3.99
N CYS A 106 0.61 13.35 -5.30
CA CYS A 106 1.83 13.50 -6.10
C CYS A 106 1.95 14.92 -6.64
N LYS B 3 18.95 -1.36 2.26
CA LYS B 3 18.37 -0.62 1.15
C LYS B 3 16.99 -1.16 0.78
N GLN B 4 16.91 -2.47 0.55
CA GLN B 4 15.65 -3.11 0.24
C GLN B 4 14.71 -3.08 1.44
N VAL B 5 13.44 -2.76 1.21
CA VAL B 5 12.54 -2.39 2.29
C VAL B 5 11.70 -3.55 2.85
N GLU B 6 11.01 -3.26 3.95
CA GLU B 6 10.22 -4.24 4.68
C GLU B 6 8.86 -4.49 4.05
N PTR B 7 8.46 -5.77 3.98
CA PTR B 7 7.14 -6.15 3.49
C PTR B 7 6.42 -7.03 4.51
O PTR B 7 7.03 -7.92 5.11
CB PTR B 7 7.25 -6.85 2.12
CG PTR B 7 7.65 -5.92 1.01
CD1 PTR B 7 8.98 -5.73 0.67
CD2 PTR B 7 6.68 -5.21 0.31
CE1 PTR B 7 9.34 -4.87 -0.35
CE2 PTR B 7 7.03 -4.34 -0.72
CZ PTR B 7 8.37 -4.18 -1.04
OH PTR B 7 8.70 -3.36 -1.99
P PTR B 7 8.82 -3.82 -3.53
O1P PTR B 7 7.50 -4.33 -3.96
O2P PTR B 7 9.21 -2.61 -4.38
O3P PTR B 7 9.88 -4.92 -3.65
N LEU B 8 5.13 -6.79 4.70
CA LEU B 8 4.36 -7.48 5.74
C LEU B 8 3.83 -8.83 5.30
N ASP B 9 3.66 -9.72 6.28
CA ASP B 9 2.92 -10.95 6.09
C ASP B 9 1.46 -10.71 6.45
N LEU B 10 0.58 -10.81 5.47
CA LEU B 10 -0.83 -10.46 5.66
C LEU B 10 -1.72 -11.66 5.93
N ASP B 11 -2.77 -11.42 6.71
CA ASP B 11 -3.80 -12.41 6.97
C ASP B 11 -5.12 -11.89 6.42
N LEU B 12 -5.50 -12.36 5.23
CA LEU B 12 -6.61 -11.74 4.50
C LEU B 12 -7.76 -12.70 4.17
N ASP B 13 -7.52 -14.00 4.25
CA ASP B 13 -8.55 -14.96 3.89
C ASP B 13 -8.88 -15.93 5.01
#